data_7E22
#
_entry.id   7E22
#
_cell.length_a   54.761
_cell.length_b   83.060
_cell.length_c   83.788
_cell.angle_alpha   90.000
_cell.angle_beta   90.000
_cell.angle_gamma   90.000
#
_symmetry.space_group_name_H-M   'P 21 21 21'
#
loop_
_entity.id
_entity.type
_entity.pdbx_description
1 polymer 'Diels-Alderase fsa2'
2 non-polymer Equisetin
3 water water
#
_entity_poly.entity_id   1
_entity_poly.type   'polypeptide(L)'
_entity_poly.pdbx_seq_one_letter_code
;GSHMSNVTVSAFTVDKSISEEHVLPSSFIPGSGNIFPKFTSAIPKTAWELWYFDGISKDDKSSIVIGVTRNAEGLKHGGF
KVQVFVIWADERTWHRDLFFPESVVSINESGVTDGIWKDATSNSSISFSCAGDLSKASLVFDVPGVVQGDMHLEALPGDT
GLDTDARLGPSVYYVRPIGRASVKAQLSLYSSDATAAEQFSLGTSANGGMDRVWSPLSWPQVMTESYYLRTQVGPYAMQI
MRIFPPAGSEDQPSTMARLYREGQLVCVAQHVVTREDALMTHDSLILSKQDNSDSEDVVTGGYRDKNTGYTVEFVEKGNE
GQRWKFQVRHERIIWNTPTSRPGPDATGNTGFVEVLCGGTIGESYEGVGTGGQCELS
;
_entity_poly.pdbx_strand_id   A
#
# COMPACT_ATOMS: atom_id res chain seq x y z
N MET A 4 4.19 -16.64 -27.29
CA MET A 4 5.46 -16.59 -26.51
C MET A 4 5.74 -17.97 -25.91
N SER A 5 6.96 -18.20 -25.43
CA SER A 5 7.38 -19.51 -24.92
C SER A 5 7.79 -19.44 -23.43
N ASN A 6 7.35 -20.44 -22.67
CA ASN A 6 7.58 -20.53 -21.24
C ASN A 6 7.24 -19.21 -20.54
N VAL A 7 6.14 -18.57 -20.98
CA VAL A 7 5.64 -17.38 -20.35
C VAL A 7 4.18 -17.59 -19.95
N THR A 8 3.92 -17.56 -18.65
CA THR A 8 2.56 -17.66 -18.06
C THR A 8 1.89 -16.28 -17.98
N VAL A 9 0.65 -16.15 -18.54
CA VAL A 9 -0.04 -14.84 -18.67
C VAL A 9 -1.49 -14.89 -18.16
N SER A 10 -1.92 -13.84 -17.45
CA SER A 10 -3.33 -13.59 -17.15
C SER A 10 -3.77 -12.24 -17.73
N ALA A 11 -4.56 -12.28 -18.80
CA ALA A 11 -5.02 -11.10 -19.51
C ALA A 11 -6.50 -10.88 -19.18
N PHE A 12 -6.81 -9.72 -18.59
CA PHE A 12 -8.15 -9.21 -18.33
C PHE A 12 -8.41 -8.05 -19.30
N THR A 13 -9.36 -8.24 -20.21
CA THR A 13 -9.77 -7.17 -21.08
C THR A 13 -11.21 -6.83 -20.75
N VAL A 14 -11.50 -5.53 -20.69
CA VAL A 14 -12.83 -5.08 -20.46
C VAL A 14 -13.72 -5.60 -21.61
N ASP A 15 -14.93 -6.06 -21.23
CA ASP A 15 -15.98 -6.56 -22.15
C ASP A 15 -15.50 -7.82 -22.91
N LYS A 16 -14.59 -8.61 -22.33
CA LYS A 16 -14.12 -9.88 -22.93
C LYS A 16 -13.96 -10.93 -21.83
N SER A 17 -14.64 -12.07 -22.01
CA SER A 17 -14.80 -13.13 -21.03
C SER A 17 -13.44 -13.69 -20.63
N ILE A 18 -13.32 -14.10 -19.35
CA ILE A 18 -12.08 -14.67 -18.81
C ILE A 18 -12.23 -16.18 -18.69
N SER A 19 -13.39 -16.70 -19.13
CA SER A 19 -13.80 -18.08 -18.85
C SER A 19 -12.81 -19.11 -19.44
N GLU A 20 -12.09 -18.71 -20.49
CA GLU A 20 -11.18 -19.63 -21.22
C GLU A 20 -9.71 -19.31 -20.96
N GLU A 21 -9.38 -18.80 -19.78
CA GLU A 21 -7.95 -18.55 -19.48
C GLU A 21 -7.34 -19.87 -19.01
N HIS A 22 -6.21 -20.28 -19.60
CA HIS A 22 -5.58 -21.57 -19.28
C HIS A 22 -5.09 -21.61 -17.83
N VAL A 23 -4.68 -20.47 -17.29
CA VAL A 23 -3.99 -20.49 -16.00
C VAL A 23 -5.00 -20.64 -14.86
N LEU A 24 -4.59 -21.33 -13.80
CA LEU A 24 -5.46 -21.71 -12.69
C LEU A 24 -5.39 -20.69 -11.54
N PRO A 25 -6.50 -20.52 -10.78
CA PRO A 25 -6.51 -19.68 -9.60
C PRO A 25 -5.77 -20.36 -8.45
N SER A 26 -5.32 -19.56 -7.51
CA SER A 26 -4.58 -20.04 -6.33
C SER A 26 -5.02 -19.23 -5.12
N SER A 27 -4.68 -19.74 -3.95
CA SER A 27 -4.90 -18.94 -2.73
C SER A 27 -3.54 -18.48 -2.26
N PHE A 28 -3.37 -18.37 -0.96
CA PHE A 28 -2.08 -17.92 -0.43
C PHE A 28 -1.02 -19.02 -0.58
N ILE A 29 0.09 -18.66 -1.20
CA ILE A 29 1.20 -19.54 -1.30
C ILE A 29 2.18 -19.17 -0.20
N PRO A 30 2.33 -19.99 0.86
CA PRO A 30 3.31 -19.71 1.90
C PRO A 30 4.69 -19.49 1.29
N GLY A 31 5.38 -18.48 1.83
CA GLY A 31 6.80 -18.25 1.56
C GLY A 31 7.06 -17.53 0.24
N SER A 32 5.99 -17.20 -0.48
CA SER A 32 6.03 -16.62 -1.80
C SER A 32 5.65 -15.12 -1.74
N GLY A 33 6.04 -14.38 -2.78
CA GLY A 33 5.55 -13.02 -2.99
C GLY A 33 4.08 -12.96 -3.40
N ASN A 34 3.58 -14.01 -4.06
CA ASN A 34 2.16 -14.14 -4.48
C ASN A 34 1.79 -13.03 -5.48
N ILE A 35 2.75 -12.65 -6.33
CA ILE A 35 2.62 -11.50 -7.25
C ILE A 35 1.62 -11.83 -8.37
N PHE A 36 1.56 -13.09 -8.82
CA PHE A 36 0.69 -13.45 -9.91
C PHE A 36 -0.76 -13.39 -9.46
N PRO A 37 -1.72 -13.00 -10.33
CA PRO A 37 -3.12 -12.95 -9.94
C PRO A 37 -3.68 -14.27 -9.40
N LYS A 38 -4.60 -14.13 -8.45
CA LYS A 38 -5.30 -15.23 -7.79
C LYS A 38 -6.62 -15.59 -8.53
N PHE A 39 -7.36 -14.59 -8.97
CA PHE A 39 -8.59 -14.80 -9.74
C PHE A 39 -8.26 -14.68 -11.23
N THR A 40 -8.26 -15.82 -11.93
CA THR A 40 -7.72 -15.93 -13.27
C THR A 40 -8.80 -16.14 -14.32
N SER A 41 -9.60 -17.19 -14.18
CA SER A 41 -10.60 -17.58 -15.19
C SER A 41 -12.03 -17.45 -14.62
N ALA A 42 -12.13 -16.90 -13.40
CA ALA A 42 -13.41 -16.71 -12.74
C ALA A 42 -13.17 -15.75 -11.57
N ILE A 43 -14.06 -14.77 -11.42
CA ILE A 43 -13.86 -13.74 -10.43
C ILE A 43 -15.21 -13.43 -9.82
N PRO A 44 -15.46 -13.86 -8.56
CA PRO A 44 -16.56 -13.35 -7.76
C PRO A 44 -16.82 -11.85 -7.99
N LYS A 45 -18.08 -11.50 -8.23
CA LYS A 45 -18.56 -10.13 -8.60
C LYS A 45 -18.08 -9.02 -7.66
N THR A 46 -17.52 -9.36 -6.50
CA THR A 46 -17.07 -8.35 -5.50
C THR A 46 -15.55 -8.42 -5.29
N ALA A 47 -14.89 -9.41 -5.90
CA ALA A 47 -13.46 -9.68 -5.68
C ALA A 47 -12.58 -8.60 -6.31
N TRP A 48 -11.40 -8.44 -5.71
CA TRP A 48 -10.43 -7.45 -6.11
C TRP A 48 -9.02 -7.95 -5.74
N GLU A 49 -8.03 -7.36 -6.43
CA GLU A 49 -6.61 -7.60 -6.26
C GLU A 49 -5.86 -6.27 -6.35
N LEU A 50 -4.74 -6.19 -5.63
CA LEU A 50 -4.02 -4.96 -5.40
C LEU A 50 -2.53 -5.21 -5.45
N TRP A 51 -1.82 -4.46 -6.29
CA TRP A 51 -0.39 -4.34 -6.20
C TRP A 51 -0.07 -2.89 -5.79
N TYR A 52 0.52 -2.72 -4.60
CA TYR A 52 0.73 -1.39 -4.00
C TYR A 52 2.24 -1.12 -3.84
N PHE A 53 2.67 0.09 -4.18
CA PHE A 53 4.06 0.48 -4.03
C PHE A 53 4.10 1.88 -3.42
N ASP A 54 5.08 2.17 -2.56
CA ASP A 54 5.23 3.53 -2.10
C ASP A 54 6.70 3.85 -1.77
N GLY A 55 6.95 5.14 -1.54
CA GLY A 55 8.21 5.69 -1.13
C GLY A 55 8.01 7.00 -0.42
N ILE A 56 8.78 7.23 0.64
CA ILE A 56 8.71 8.53 1.35
C ILE A 56 10.15 8.93 1.71
N SER A 57 10.53 10.16 1.39
CA SER A 57 11.91 10.65 1.65
C SER A 57 12.02 11.19 3.06
N LYS A 58 13.09 10.87 3.76
CA LYS A 58 13.26 11.37 5.13
C LYS A 58 13.94 12.73 5.10
N ASP A 59 14.66 13.03 4.03
CA ASP A 59 15.38 14.26 3.94
C ASP A 59 14.45 15.43 3.60
N ASP A 60 13.40 15.23 2.81
CA ASP A 60 12.50 16.34 2.47
C ASP A 60 11.01 15.98 2.58
N LYS A 61 10.67 14.72 2.88
CA LYS A 61 9.29 14.23 3.09
C LYS A 61 8.44 14.28 1.82
N SER A 62 9.07 14.31 0.64
CA SER A 62 8.33 14.11 -0.60
C SER A 62 7.84 12.66 -0.54
N SER A 63 6.70 12.36 -1.14
CA SER A 63 6.15 10.99 -1.08
C SER A 63 5.37 10.61 -2.34
N ILE A 64 5.48 9.34 -2.74
CA ILE A 64 4.73 8.79 -3.86
C ILE A 64 4.03 7.52 -3.39
N VAL A 65 2.76 7.36 -3.77
CA VAL A 65 1.91 6.24 -3.37
C VAL A 65 1.23 5.72 -4.63
N ILE A 66 1.51 4.47 -5.02
CA ILE A 66 0.92 3.85 -6.25
C ILE A 66 -0.01 2.68 -5.91
N GLY A 67 -1.25 2.71 -6.44
CA GLY A 67 -2.21 1.61 -6.32
C GLY A 67 -2.65 1.07 -7.68
N VAL A 68 -2.28 -0.18 -7.96
CA VAL A 68 -2.60 -0.87 -9.21
C VAL A 68 -3.61 -1.97 -8.88
N THR A 69 -4.82 -1.89 -9.44
CA THR A 69 -5.89 -2.80 -9.02
C THR A 69 -6.48 -3.58 -10.20
N ARG A 70 -7.01 -4.76 -9.87
CA ARG A 70 -8.06 -5.42 -10.62
C ARG A 70 -9.31 -5.54 -9.74
N ASN A 71 -10.48 -5.57 -10.38
CA ASN A 71 -11.70 -6.06 -9.74
C ASN A 71 -12.68 -6.55 -10.81
N ALA A 72 -13.60 -7.42 -10.38
CA ALA A 72 -14.64 -8.06 -11.23
C ALA A 72 -15.46 -6.99 -11.97
N GLU A 73 -15.94 -5.99 -11.23
CA GLU A 73 -16.74 -4.91 -11.76
C GLU A 73 -16.05 -4.31 -13.00
N GLY A 74 -14.70 -4.21 -12.95
CA GLY A 74 -13.88 -3.61 -14.00
C GLY A 74 -13.99 -4.35 -15.33
N LEU A 75 -14.06 -5.69 -15.28
CA LEU A 75 -14.22 -6.55 -16.47
C LEU A 75 -15.51 -6.28 -17.23
N LYS A 76 -16.57 -5.90 -16.48
CA LYS A 76 -17.89 -5.54 -17.02
C LYS A 76 -17.86 -4.08 -17.51
N HIS A 77 -17.58 -3.17 -16.59
CA HIS A 77 -17.78 -1.73 -16.77
C HIS A 77 -16.53 -0.96 -16.31
N GLY A 78 -15.89 -0.20 -17.22
CA GLY A 78 -15.08 0.96 -16.82
C GLY A 78 -13.58 0.71 -16.78
N GLY A 79 -13.17 -0.54 -16.60
CA GLY A 79 -11.76 -0.94 -16.70
C GLY A 79 -11.11 -1.17 -15.34
N PHE A 80 -9.78 -1.11 -15.34
CA PHE A 80 -8.95 -1.41 -14.15
C PHE A 80 -8.23 -0.15 -13.67
N LYS A 81 -8.52 0.24 -12.43
CA LYS A 81 -8.02 1.52 -11.85
C LYS A 81 -6.58 1.43 -11.30
N VAL A 82 -5.82 2.49 -11.61
CA VAL A 82 -4.44 2.77 -11.12
C VAL A 82 -4.49 4.13 -10.45
N GLN A 83 -4.14 4.21 -9.19
CA GLN A 83 -4.14 5.45 -8.44
C GLN A 83 -2.71 5.92 -8.23
N VAL A 84 -2.43 7.16 -8.62
CA VAL A 84 -1.13 7.80 -8.44
C VAL A 84 -1.34 9.01 -7.55
N PHE A 85 -0.60 9.04 -6.44
CA PHE A 85 -0.61 10.11 -5.45
C PHE A 85 0.82 10.57 -5.20
N VAL A 86 1.03 11.88 -5.24
CA VAL A 86 2.32 12.42 -5.01
C VAL A 86 2.21 13.63 -4.10
N ILE A 87 3.25 13.83 -3.27
CA ILE A 87 3.38 15.05 -2.50
C ILE A 87 4.84 15.52 -2.60
N TRP A 88 4.99 16.79 -3.01
CA TRP A 88 6.26 17.50 -3.06
C TRP A 88 6.70 17.90 -1.66
N ALA A 89 8.00 18.19 -1.51
CA ALA A 89 8.58 18.66 -0.25
C ALA A 89 7.77 19.82 0.33
N ASP A 90 7.25 20.67 -0.57
CA ASP A 90 6.57 21.90 -0.20
C ASP A 90 5.08 21.66 0.12
N GLU A 91 4.63 20.40 0.06
CA GLU A 91 3.26 19.93 0.46
C GLU A 91 2.20 20.16 -0.62
N ARG A 92 2.57 20.62 -1.81
CA ARG A 92 1.65 20.52 -2.96
C ARG A 92 1.45 19.04 -3.26
N THR A 93 0.26 18.72 -3.75
CA THR A 93 -0.14 17.32 -4.05
C THR A 93 -0.76 17.22 -5.45
N TRP A 94 -0.49 16.10 -6.10
CA TRP A 94 -0.96 15.71 -7.41
C TRP A 94 -1.49 14.28 -7.26
N HIS A 95 -2.61 13.97 -7.91
CA HIS A 95 -3.22 12.60 -7.82
C HIS A 95 -4.27 12.38 -8.92
N ARG A 96 -4.13 11.27 -9.65
CA ARG A 96 -5.10 10.82 -10.67
C ARG A 96 -5.60 9.43 -10.30
N ASP A 97 -6.88 9.17 -10.52
CA ASP A 97 -7.39 7.81 -10.72
C ASP A 97 -7.48 7.56 -12.23
N LEU A 98 -6.74 6.57 -12.73
CA LEU A 98 -6.64 6.26 -14.15
C LEU A 98 -7.21 4.86 -14.36
N PHE A 99 -8.00 4.68 -15.41
CA PHE A 99 -8.67 3.41 -15.69
C PHE A 99 -8.20 2.89 -17.03
N PHE A 100 -7.75 1.62 -17.08
CA PHE A 100 -7.31 1.06 -18.34
C PHE A 100 -8.20 -0.11 -18.68
N PRO A 101 -8.45 -0.38 -19.98
CA PRO A 101 -9.31 -1.48 -20.40
C PRO A 101 -8.64 -2.86 -20.35
N GLU A 102 -7.31 -2.91 -20.17
CA GLU A 102 -6.57 -4.15 -20.28
C GLU A 102 -5.57 -4.22 -19.14
N SER A 103 -5.52 -5.38 -18.48
CA SER A 103 -4.63 -5.66 -17.37
C SER A 103 -3.96 -7.03 -17.56
N VAL A 104 -2.65 -7.03 -17.76
CA VAL A 104 -1.90 -8.23 -18.14
C VAL A 104 -0.75 -8.44 -17.15
N VAL A 105 -0.76 -9.61 -16.49
CA VAL A 105 0.36 -9.98 -15.65
C VAL A 105 1.05 -11.21 -16.24
N SER A 106 2.39 -11.20 -16.19
CA SER A 106 3.26 -12.15 -16.85
C SER A 106 4.29 -12.66 -15.87
N ILE A 107 4.51 -13.98 -15.87
CA ILE A 107 5.74 -14.56 -15.37
C ILE A 107 6.47 -15.10 -16.59
N ASN A 108 7.73 -14.74 -16.72
CA ASN A 108 8.52 -15.05 -17.90
C ASN A 108 9.58 -16.10 -17.54
N GLU A 109 10.32 -16.55 -18.56
CA GLU A 109 11.25 -17.69 -18.48
C GLU A 109 12.35 -17.45 -17.43
N SER A 110 12.65 -16.18 -17.14
CA SER A 110 13.65 -15.76 -16.12
C SER A 110 13.06 -15.73 -14.71
N GLY A 111 11.74 -15.81 -14.56
CA GLY A 111 11.10 -15.71 -13.26
C GLY A 111 10.77 -14.27 -12.87
N VAL A 112 10.93 -13.33 -13.80
CA VAL A 112 10.51 -11.95 -13.61
C VAL A 112 8.99 -11.93 -13.80
N THR A 113 8.29 -11.18 -12.96
CA THR A 113 6.86 -10.95 -13.10
C THR A 113 6.62 -9.51 -13.57
N ASP A 114 5.93 -9.36 -14.70
CA ASP A 114 5.59 -8.03 -15.26
C ASP A 114 4.06 -7.86 -15.21
N GLY A 115 3.59 -6.66 -14.87
CA GLY A 115 2.18 -6.29 -15.00
C GLY A 115 2.08 -5.06 -15.88
N ILE A 116 1.06 -5.00 -16.74
CA ILE A 116 0.87 -3.82 -17.55
C ILE A 116 -0.61 -3.52 -17.68
N TRP A 117 -0.99 -2.30 -17.23
CA TRP A 117 -2.33 -1.80 -17.32
C TRP A 117 -2.30 -0.85 -18.51
N LYS A 118 -3.04 -1.18 -19.57
CA LYS A 118 -2.84 -0.44 -20.82
C LYS A 118 -4.15 -0.17 -21.55
N ASP A 119 -4.06 0.89 -22.39
CA ASP A 119 -5.08 1.33 -23.30
C ASP A 119 -4.40 1.54 -24.66
N ALA A 120 -4.61 0.59 -25.58
CA ALA A 120 -3.98 0.64 -26.92
C ALA A 120 -4.52 1.82 -27.76
N THR A 121 -5.74 2.27 -27.43
CA THR A 121 -6.41 3.38 -28.11
C THR A 121 -5.71 4.73 -27.83
N SER A 122 -5.42 5.02 -26.56
CA SER A 122 -4.72 6.27 -26.15
C SER A 122 -3.19 6.09 -26.19
N ASN A 123 -2.72 4.86 -26.39
CA ASN A 123 -1.29 4.56 -26.44
C ASN A 123 -0.66 4.98 -25.10
N SER A 124 -1.28 4.47 -24.04
CA SER A 124 -0.98 4.86 -22.70
C SER A 124 -0.94 3.61 -21.81
N SER A 125 -0.01 3.59 -20.85
CA SER A 125 0.18 2.42 -19.97
C SER A 125 0.96 2.77 -18.69
N ILE A 126 0.66 2.02 -17.64
CA ILE A 126 1.47 1.93 -16.42
C ILE A 126 1.81 0.45 -16.21
N SER A 127 3.13 0.17 -16.07
CA SER A 127 3.64 -1.17 -15.87
C SER A 127 4.52 -1.21 -14.62
N PHE A 128 4.62 -2.43 -14.05
CA PHE A 128 5.54 -2.77 -12.99
C PHE A 128 6.27 -4.07 -13.34
N SER A 129 7.44 -4.24 -12.74
CA SER A 129 8.27 -5.42 -12.94
C SER A 129 8.92 -5.80 -11.62
N CYS A 130 8.89 -7.11 -11.30
CA CYS A 130 9.43 -7.64 -10.05
C CYS A 130 10.48 -8.71 -10.38
N ALA A 131 11.68 -8.57 -9.83
CA ALA A 131 12.68 -9.59 -10.02
C ALA A 131 12.14 -10.87 -9.39
N GLY A 132 12.54 -12.01 -9.97
CA GLY A 132 12.23 -13.32 -9.49
C GLY A 132 12.65 -13.57 -8.05
N ASP A 133 13.73 -12.92 -7.57
CA ASP A 133 14.16 -13.03 -6.12
C ASP A 133 13.64 -11.84 -5.28
N LEU A 134 12.76 -11.01 -5.86
CA LEU A 134 12.18 -9.87 -5.18
C LEU A 134 13.28 -8.96 -4.59
N SER A 135 14.47 -8.93 -5.18
CA SER A 135 15.52 -7.98 -4.78
C SER A 135 15.19 -6.57 -5.31
N LYS A 136 14.40 -6.49 -6.38
CA LYS A 136 14.15 -5.21 -7.07
C LYS A 136 12.79 -5.25 -7.73
N ALA A 137 12.16 -4.08 -7.80
CA ALA A 137 10.95 -3.90 -8.59
C ALA A 137 11.01 -2.50 -9.18
N SER A 138 10.26 -2.27 -10.25
CA SER A 138 10.31 -0.97 -10.93
C SER A 138 9.00 -0.72 -11.69
N LEU A 139 8.75 0.56 -12.02
CA LEU A 139 7.52 0.92 -12.66
C LEU A 139 7.82 1.93 -13.78
N VAL A 140 7.04 1.81 -14.86
CA VAL A 140 7.14 2.75 -15.93
C VAL A 140 5.77 3.41 -16.11
N PHE A 141 5.76 4.74 -16.13
CA PHE A 141 4.57 5.54 -16.36
C PHE A 141 4.68 6.14 -17.77
N ASP A 142 3.66 5.87 -18.60
CA ASP A 142 3.65 6.36 -19.93
C ASP A 142 2.20 6.58 -20.36
N VAL A 143 1.62 7.63 -19.81
CA VAL A 143 0.32 8.13 -20.15
C VAL A 143 0.51 9.55 -20.67
N PRO A 144 0.50 9.77 -22.01
CA PRO A 144 0.82 11.09 -22.60
C PRO A 144 -0.08 12.23 -22.06
N GLY A 145 0.57 13.30 -21.66
CA GLY A 145 -0.13 14.49 -21.12
C GLY A 145 -0.83 14.25 -19.77
N VAL A 146 -0.38 13.25 -19.01
CA VAL A 146 -0.89 12.99 -17.66
C VAL A 146 0.31 12.68 -16.75
N VAL A 147 0.97 11.53 -16.94
CA VAL A 147 2.16 11.18 -16.15
C VAL A 147 3.14 10.39 -17.00
N GLN A 148 4.42 10.77 -16.96
CA GLN A 148 5.53 10.08 -17.66
C GLN A 148 6.76 10.04 -16.77
N GLY A 149 7.43 8.89 -16.73
CA GLY A 149 8.57 8.67 -15.83
C GLY A 149 8.59 7.25 -15.27
N ASP A 150 9.22 7.09 -14.10
CA ASP A 150 9.48 5.78 -13.56
C ASP A 150 9.77 5.86 -12.06
N MET A 151 9.98 4.68 -11.48
CA MET A 151 10.07 4.46 -10.06
C MET A 151 10.86 3.16 -9.90
N HIS A 152 11.76 3.10 -8.93
CA HIS A 152 12.61 1.96 -8.69
C HIS A 152 12.61 1.67 -7.20
N LEU A 153 12.55 0.38 -6.84
CA LEU A 153 12.67 -0.08 -5.47
C LEU A 153 13.78 -1.14 -5.42
N GLU A 154 14.73 -0.96 -4.46
CA GLU A 154 15.76 -1.99 -4.09
C GLU A 154 15.55 -2.50 -2.66
N ALA A 155 15.38 -3.81 -2.53
CA ALA A 155 15.15 -4.42 -1.25
C ALA A 155 16.42 -4.27 -0.41
N LEU A 156 16.20 -3.84 0.83
CA LEU A 156 17.25 -3.63 1.81
C LEU A 156 17.65 -4.95 2.45
N PRO A 157 18.93 -5.10 2.86
CA PRO A 157 19.42 -6.35 3.42
C PRO A 157 18.59 -6.76 4.62
N GLY A 158 18.48 -8.08 4.85
CA GLY A 158 17.84 -8.61 6.05
C GLY A 158 16.79 -9.64 5.70
N ASP A 159 15.98 -9.98 6.71
CA ASP A 159 14.89 -10.93 6.58
C ASP A 159 13.84 -10.41 5.57
N THR A 160 13.28 -11.32 4.76
CA THR A 160 12.25 -10.97 3.77
C THR A 160 10.84 -10.91 4.39
N GLY A 161 10.63 -11.65 5.47
CA GLY A 161 9.35 -11.67 6.14
C GLY A 161 8.26 -12.36 5.34
N LEU A 162 8.64 -13.14 4.33
CA LEU A 162 7.66 -13.82 3.46
C LEU A 162 7.27 -15.18 4.04
N ASP A 163 7.94 -15.59 5.12
CA ASP A 163 7.67 -16.88 5.80
C ASP A 163 6.77 -16.64 7.01
N THR A 164 5.89 -15.67 6.92
CA THR A 164 4.94 -15.31 7.98
C THR A 164 3.52 -15.39 7.44
N ASP A 165 2.55 -15.37 8.35
CA ASP A 165 1.13 -15.47 7.97
C ASP A 165 0.69 -14.18 7.28
N ALA A 166 -0.09 -14.30 6.22
CA ALA A 166 -0.57 -13.15 5.47
C ALA A 166 -2.08 -12.95 5.62
N ARG A 167 -2.75 -13.78 6.41
CA ARG A 167 -4.19 -13.57 6.72
C ARG A 167 -4.38 -12.22 7.43
N LEU A 168 -5.31 -11.41 6.93
CA LEU A 168 -5.75 -10.20 7.64
C LEU A 168 -7.24 -10.32 7.93
N GLY A 169 -7.56 -10.79 9.15
CA GLY A 169 -8.87 -11.28 9.45
C GLY A 169 -9.18 -12.47 8.54
N PRO A 170 -10.44 -12.94 8.50
CA PRO A 170 -10.74 -14.19 7.80
C PRO A 170 -10.94 -14.16 6.27
N SER A 171 -10.96 -12.96 5.66
CA SER A 171 -11.41 -12.79 4.27
C SER A 171 -10.42 -11.99 3.39
N VAL A 172 -9.27 -11.60 3.94
CA VAL A 172 -8.31 -10.76 3.24
C VAL A 172 -6.94 -11.40 3.35
N TYR A 173 -6.16 -11.30 2.27
CA TYR A 173 -4.75 -11.63 2.33
C TYR A 173 -3.96 -10.36 2.03
N TYR A 174 -2.86 -10.22 2.76
CA TYR A 174 -1.97 -9.08 2.73
C TYR A 174 -0.54 -9.64 2.85
N VAL A 175 0.08 -9.92 1.70
CA VAL A 175 1.49 -10.22 1.59
C VAL A 175 2.25 -8.90 1.39
N ARG A 176 3.52 -8.91 1.85
CA ARG A 176 4.49 -7.83 1.68
C ARG A 176 5.68 -8.35 0.86
N PRO A 177 5.56 -8.44 -0.47
CA PRO A 177 6.64 -8.96 -1.30
C PRO A 177 7.98 -8.23 -1.12
N ILE A 178 7.97 -6.90 -1.02
CA ILE A 178 9.17 -6.12 -0.61
C ILE A 178 8.81 -5.35 0.66
N GLY A 179 9.18 -5.93 1.81
CA GLY A 179 8.83 -5.32 3.08
C GLY A 179 9.52 -3.99 3.30
N ARG A 180 10.82 -3.92 2.97
CA ARG A 180 11.69 -2.77 3.23
C ARG A 180 12.54 -2.49 1.98
N ALA A 181 12.62 -1.22 1.59
CA ALA A 181 13.16 -0.84 0.30
C ALA A 181 13.66 0.61 0.34
N SER A 182 14.78 0.85 -0.34
CA SER A 182 15.12 2.19 -0.81
C SER A 182 14.47 2.42 -2.19
N VAL A 183 14.04 3.66 -2.42
CA VAL A 183 13.11 4.00 -3.47
C VAL A 183 13.62 5.29 -4.13
N LYS A 184 13.48 5.35 -5.45
CA LYS A 184 13.74 6.53 -6.25
C LYS A 184 12.56 6.71 -7.18
N ALA A 185 12.36 7.92 -7.70
CA ALA A 185 11.28 8.15 -8.63
C ALA A 185 11.46 9.50 -9.32
N GLN A 186 11.34 9.48 -10.65
CA GLN A 186 11.44 10.68 -11.53
C GLN A 186 10.18 10.73 -12.41
N LEU A 187 9.28 11.68 -12.15
CA LEU A 187 8.00 11.82 -12.89
C LEU A 187 7.82 13.22 -13.46
N SER A 188 7.13 13.28 -14.61
CA SER A 188 6.55 14.46 -15.18
C SER A 188 5.04 14.40 -14.95
N LEU A 189 4.50 15.36 -14.19
CA LEU A 189 3.09 15.35 -13.83
C LEU A 189 2.38 16.54 -14.48
N TYR A 190 1.35 16.23 -15.30
CA TYR A 190 0.74 17.22 -16.16
C TYR A 190 -0.46 17.85 -15.45
N SER A 191 -0.76 19.11 -15.82
CA SER A 191 -1.97 19.82 -15.38
C SER A 191 -3.22 19.10 -15.88
N SER A 192 -4.37 19.49 -15.32
CA SER A 192 -5.68 18.93 -15.72
C SER A 192 -5.96 19.11 -17.21
N ASP A 193 -5.51 20.22 -17.82
CA ASP A 193 -5.73 20.54 -19.24
C ASP A 193 -4.59 20.01 -20.13
N ALA A 194 -3.54 19.43 -19.56
CA ALA A 194 -2.52 18.69 -20.30
C ALA A 194 -1.59 19.64 -21.08
N THR A 195 -1.66 20.96 -20.81
CA THR A 195 -0.81 21.98 -21.48
C THR A 195 0.50 22.24 -20.70
N ALA A 196 0.56 21.90 -19.41
CA ALA A 196 1.77 22.09 -18.63
C ALA A 196 2.11 20.89 -17.76
N ALA A 197 3.33 20.88 -17.22
CA ALA A 197 3.89 19.76 -16.50
C ALA A 197 4.91 20.22 -15.44
N GLU A 198 4.99 19.47 -14.34
CA GLU A 198 5.99 19.74 -13.31
C GLU A 198 6.86 18.50 -13.07
N GLN A 199 8.15 18.72 -12.79
CA GLN A 199 9.04 17.64 -12.41
C GLN A 199 8.77 17.31 -10.94
N PHE A 200 8.76 16.01 -10.69
CA PHE A 200 8.67 15.43 -9.34
C PHE A 200 9.83 14.47 -9.24
N SER A 201 10.65 14.67 -8.24
CA SER A 201 11.77 13.74 -7.97
C SER A 201 11.59 13.32 -6.52
N LEU A 202 11.47 12.03 -6.25
CA LEU A 202 11.34 11.66 -4.83
C LEU A 202 12.65 12.07 -4.14
N GLY A 203 12.57 12.62 -2.94
CA GLY A 203 13.73 13.05 -2.16
C GLY A 203 14.65 11.91 -1.74
N THR A 204 15.84 12.28 -1.28
CA THR A 204 16.84 11.31 -0.85
C THR A 204 16.41 10.63 0.45
N SER A 205 17.12 9.56 0.80
CA SER A 205 16.90 8.81 2.02
C SER A 205 15.44 8.41 2.10
N ALA A 206 14.95 7.76 1.04
CA ALA A 206 13.56 7.43 0.91
C ALA A 206 13.43 5.94 1.08
N ASN A 207 12.46 5.54 1.88
CA ASN A 207 12.13 4.15 2.07
C ASN A 207 10.67 3.92 1.70
N GLY A 208 10.36 2.66 1.41
CA GLY A 208 9.05 2.21 1.10
C GLY A 208 9.07 0.72 0.88
N GLY A 209 8.26 0.23 -0.06
CA GLY A 209 8.10 -1.20 -0.30
C GLY A 209 6.94 -1.51 -1.24
N MET A 210 6.62 -2.82 -1.34
CA MET A 210 5.59 -3.34 -2.18
C MET A 210 4.76 -4.26 -1.30
N ASP A 211 3.46 -4.02 -1.30
CA ASP A 211 2.48 -4.86 -0.67
C ASP A 211 1.63 -5.50 -1.77
N ARG A 212 0.87 -6.52 -1.39
CA ARG A 212 0.15 -7.39 -2.31
C ARG A 212 -1.06 -7.94 -1.56
N VAL A 213 -2.27 -7.66 -2.06
CA VAL A 213 -3.51 -7.78 -1.28
C VAL A 213 -4.65 -8.21 -2.19
N TRP A 214 -5.48 -9.15 -1.73
CA TRP A 214 -6.68 -9.58 -2.46
C TRP A 214 -7.77 -10.07 -1.49
N SER A 215 -9.00 -10.03 -1.97
CA SER A 215 -10.12 -10.61 -1.29
C SER A 215 -11.17 -10.96 -2.31
N PRO A 216 -12.02 -11.98 -2.02
CA PRO A 216 -13.20 -12.26 -2.83
C PRO A 216 -14.39 -11.37 -2.46
N LEU A 217 -14.29 -10.73 -1.30
CA LEU A 217 -15.36 -9.86 -0.79
C LEU A 217 -14.96 -8.40 -0.95
N SER A 218 -15.95 -7.53 -1.15
CA SER A 218 -15.69 -6.07 -1.25
C SER A 218 -15.28 -5.59 0.14
N TRP A 219 -14.43 -4.58 0.24
CA TRP A 219 -13.95 -4.21 1.60
C TRP A 219 -15.06 -3.82 2.57
N PRO A 220 -16.17 -3.18 2.14
CA PRO A 220 -17.32 -2.95 3.02
C PRO A 220 -17.67 -4.21 3.81
N GLN A 221 -17.74 -5.36 3.14
CA GLN A 221 -18.01 -6.63 3.86
C GLN A 221 -16.75 -7.08 4.58
N VAL A 222 -15.78 -6.19 4.79
CA VAL A 222 -14.55 -6.67 5.41
C VAL A 222 -14.14 -5.76 6.58
N MET A 223 -14.35 -4.47 6.39
CA MET A 223 -13.86 -3.53 7.40
C MET A 223 -14.73 -2.29 7.38
N THR A 224 -14.84 -1.66 8.54
CA THR A 224 -15.56 -0.38 8.68
C THR A 224 -14.47 0.70 8.73
N GLU A 225 -13.32 0.34 9.31
CA GLU A 225 -12.17 1.24 9.48
C GLU A 225 -10.89 0.44 9.22
N SER A 226 -9.85 1.12 8.75
CA SER A 226 -8.52 0.58 8.49
C SER A 226 -7.44 1.65 8.73
N TYR A 227 -6.28 1.20 9.23
CA TYR A 227 -5.11 2.06 9.29
C TYR A 227 -3.86 1.29 8.80
N TYR A 228 -3.07 1.99 7.99
CA TYR A 228 -1.88 1.54 7.31
C TYR A 228 -0.72 2.41 7.78
N LEU A 229 0.41 1.77 8.12
CA LEU A 229 1.65 2.49 8.34
C LEU A 229 2.83 1.75 7.69
N ARG A 230 3.78 2.51 7.14
CA ARG A 230 5.06 1.97 6.62
C ARG A 230 6.18 2.97 6.96
N THR A 231 7.22 2.53 7.65
CA THR A 231 8.22 3.46 8.10
C THR A 231 9.54 2.77 8.39
N GLN A 232 10.64 3.47 8.04
CA GLN A 232 12.00 3.23 8.53
C GLN A 232 12.27 4.32 9.56
N VAL A 233 12.57 3.86 10.79
CA VAL A 233 12.85 4.71 11.94
C VAL A 233 14.18 4.25 12.54
N GLY A 234 15.25 4.98 12.22
CA GLY A 234 16.62 4.56 12.48
C GLY A 234 16.87 3.13 12.01
N PRO A 235 17.36 2.25 12.91
CA PRO A 235 17.53 0.84 12.55
C PRO A 235 16.20 0.06 12.42
N TYR A 236 15.11 0.66 12.92
CA TYR A 236 13.80 0.02 12.89
C TYR A 236 13.12 0.25 11.52
N ALA A 237 12.50 -0.82 11.03
CA ALA A 237 11.49 -0.74 10.00
C ALA A 237 10.20 -1.42 10.49
N MET A 238 9.03 -0.84 10.19
CA MET A 238 7.73 -1.49 10.55
C MET A 238 6.70 -1.32 9.43
N GLN A 239 5.84 -2.33 9.32
CA GLN A 239 4.62 -2.26 8.51
C GLN A 239 3.44 -2.69 9.38
N ILE A 240 2.40 -1.84 9.42
CA ILE A 240 1.16 -2.10 10.12
C ILE A 240 0.00 -1.99 9.14
N MET A 241 -0.88 -3.00 9.17
CA MET A 241 -2.19 -2.95 8.50
C MET A 241 -3.18 -3.38 9.59
N ARG A 242 -4.05 -2.49 10.03
CA ARG A 242 -5.01 -2.85 11.10
C ARG A 242 -6.43 -2.55 10.63
N ILE A 243 -7.33 -3.52 10.76
CA ILE A 243 -8.75 -3.29 10.39
C ILE A 243 -9.66 -3.66 11.56
N PHE A 244 -10.78 -2.97 11.68
CA PHE A 244 -11.88 -3.21 12.63
C PHE A 244 -12.91 -3.95 11.79
N PRO A 245 -13.52 -5.07 12.23
CA PRO A 245 -14.41 -5.86 11.36
C PRO A 245 -15.69 -5.11 11.01
N PRO A 246 -16.41 -5.45 9.94
CA PRO A 246 -17.61 -4.70 9.53
C PRO A 246 -18.77 -4.61 10.52
N ALA A 247 -19.61 -3.58 10.33
CA ALA A 247 -20.77 -3.27 11.21
C ALA A 247 -21.59 -4.54 11.46
N GLY A 248 -21.86 -4.84 12.73
CA GLY A 248 -22.61 -6.07 13.05
C GLY A 248 -21.70 -7.27 12.99
N SER A 249 -20.63 -7.25 13.79
CA SER A 249 -19.65 -8.37 13.85
C SER A 249 -18.98 -8.38 15.22
N GLU A 250 -18.89 -9.57 15.80
CA GLU A 250 -18.34 -9.84 17.15
C GLU A 250 -16.84 -10.13 17.07
N ASP A 251 -16.30 -10.10 15.84
CA ASP A 251 -14.87 -10.40 15.57
C ASP A 251 -13.95 -9.36 16.19
N GLN A 252 -12.71 -9.75 16.44
CA GLN A 252 -11.72 -8.81 17.01
C GLN A 252 -11.11 -8.02 15.86
N PRO A 253 -10.34 -6.95 16.14
CA PRO A 253 -9.66 -6.24 15.08
C PRO A 253 -8.51 -7.15 14.67
N SER A 254 -8.27 -7.25 13.37
CA SER A 254 -7.17 -8.04 12.85
C SER A 254 -6.01 -7.10 12.47
N THR A 255 -4.77 -7.57 12.68
CA THR A 255 -3.57 -6.85 12.25
C THR A 255 -2.61 -7.78 11.50
N MET A 256 -1.86 -7.20 10.56
CA MET A 256 -0.64 -7.83 9.96
C MET A 256 0.52 -6.86 10.20
N ALA A 257 1.05 -6.88 11.44
CA ALA A 257 2.09 -5.95 11.88
C ALA A 257 3.48 -6.62 12.00
N ARG A 258 4.53 -5.98 11.48
CA ARG A 258 5.93 -6.52 11.51
C ARG A 258 6.90 -5.44 12.00
N LEU A 259 7.82 -5.80 12.90
CA LEU A 259 8.89 -4.88 13.31
C LEU A 259 10.23 -5.56 13.01
N TYR A 260 11.12 -4.83 12.35
CA TYR A 260 12.47 -5.27 12.03
C TYR A 260 13.48 -4.36 12.73
N ARG A 261 14.65 -4.91 13.06
CA ARG A 261 15.76 -4.14 13.66
C ARG A 261 17.04 -4.53 12.94
N GLU A 262 17.77 -3.55 12.42
CA GLU A 262 18.91 -3.77 11.51
C GLU A 262 18.61 -4.93 10.53
N GLY A 263 17.38 -5.01 10.01
CA GLY A 263 17.02 -5.98 9.02
C GLY A 263 16.62 -7.33 9.59
N GLN A 264 16.88 -7.57 10.87
CA GLN A 264 16.41 -8.79 11.49
C GLN A 264 14.92 -8.61 11.86
N LEU A 265 14.08 -9.54 11.41
CA LEU A 265 12.65 -9.58 11.82
C LEU A 265 12.54 -9.92 13.33
N VAL A 266 12.02 -9.00 14.14
CA VAL A 266 12.04 -9.17 15.64
C VAL A 266 10.63 -9.22 16.26
N CYS A 267 9.58 -9.01 15.47
CA CYS A 267 8.23 -9.05 16.03
C CYS A 267 7.21 -9.22 14.89
N VAL A 268 6.41 -10.28 15.00
CA VAL A 268 5.45 -10.76 14.01
C VAL A 268 4.08 -10.82 14.71
N ALA A 269 3.43 -9.66 14.82
CA ALA A 269 2.07 -9.55 15.39
C ALA A 269 0.97 -9.90 14.36
N GLN A 270 0.18 -10.94 14.67
CA GLN A 270 -1.10 -11.18 13.97
C GLN A 270 -2.26 -11.03 14.98
N HIS A 271 -1.98 -10.35 16.08
CA HIS A 271 -2.94 -10.09 17.14
C HIS A 271 -2.74 -8.65 17.63
N VAL A 272 -3.84 -7.90 17.76
CA VAL A 272 -3.80 -6.53 18.32
C VAL A 272 -4.54 -6.52 19.67
N VAL A 273 -3.85 -6.04 20.70
CA VAL A 273 -4.30 -6.17 22.09
C VAL A 273 -4.32 -4.78 22.75
N THR A 274 -4.64 -4.72 24.05
CA THR A 274 -4.46 -3.52 24.90
C THR A 274 -3.58 -3.90 26.11
N ARG A 275 -3.29 -2.93 26.98
CA ARG A 275 -2.50 -3.12 28.24
C ARG A 275 -1.16 -3.80 27.92
N THR A 281 2.55 -15.00 24.90
CA THR A 281 2.07 -16.20 24.18
C THR A 281 2.32 -16.02 22.68
N HIS A 282 1.82 -14.92 22.14
CA HIS A 282 1.98 -14.57 20.71
C HIS A 282 2.52 -13.15 20.61
N ASP A 283 3.30 -12.85 19.57
CA ASP A 283 3.77 -11.46 19.36
C ASP A 283 2.50 -10.63 19.15
N SER A 284 2.38 -9.49 19.83
CA SER A 284 1.17 -8.68 19.74
C SER A 284 1.52 -7.18 19.61
N LEU A 285 0.50 -6.39 19.25
CA LEU A 285 0.58 -4.95 18.91
C LEU A 285 -0.46 -4.18 19.74
N ILE A 286 -0.06 -3.03 20.31
CA ILE A 286 -1.00 -1.99 20.79
C ILE A 286 -0.92 -0.82 19.81
N LEU A 287 -2.10 -0.36 19.32
CA LEU A 287 -2.22 0.76 18.36
C LEU A 287 -3.37 1.66 18.80
N SER A 288 -3.03 2.71 19.58
CA SER A 288 -3.96 3.64 20.25
C SER A 288 -3.76 5.06 19.72
N LYS A 289 -4.87 5.73 19.39
CA LYS A 289 -4.81 7.05 18.73
C LYS A 289 -4.96 8.17 19.76
N GLN A 290 -4.46 9.33 19.35
CA GLN A 290 -4.32 10.52 20.22
C GLN A 290 -5.06 11.70 19.58
N ASP A 291 -5.29 12.77 20.34
CA ASP A 291 -6.00 13.97 19.82
C ASP A 291 -5.29 15.24 20.28
N ASN A 292 -4.35 15.10 21.22
CA ASN A 292 -3.57 16.23 21.77
C ASN A 292 -2.81 17.02 20.71
N SER A 293 -2.63 18.31 20.98
CA SER A 293 -1.94 19.29 20.10
C SER A 293 -0.60 19.67 20.75
N ASP A 294 0.18 18.65 21.14
CA ASP A 294 1.46 18.82 21.82
C ASP A 294 2.32 19.85 21.06
N SER A 295 2.52 19.60 19.75
CA SER A 295 3.42 20.37 18.87
C SER A 295 2.62 21.04 17.74
N GLU A 296 3.26 22.03 17.10
CA GLU A 296 2.63 22.95 16.14
C GLU A 296 2.44 22.26 14.77
N ASP A 297 3.30 21.30 14.46
CA ASP A 297 3.37 20.72 13.13
C ASP A 297 2.45 19.48 13.07
N VAL A 298 1.16 19.70 13.27
CA VAL A 298 0.20 18.63 13.39
C VAL A 298 -0.95 18.90 12.42
N VAL A 299 -1.65 17.83 12.02
CA VAL A 299 -2.66 17.88 11.00
C VAL A 299 -3.65 16.74 11.28
N THR A 300 -4.80 16.75 10.61
CA THR A 300 -5.80 15.65 10.80
C THR A 300 -6.54 15.38 9.48
N GLY A 301 -7.20 14.22 9.44
CA GLY A 301 -8.16 13.92 8.36
C GLY A 301 -9.22 15.01 8.23
N GLY A 302 -9.70 15.23 7.00
CA GLY A 302 -10.72 16.23 6.75
C GLY A 302 -12.14 15.70 6.89
N TYR A 303 -12.27 14.58 7.60
CA TYR A 303 -13.57 13.89 7.82
C TYR A 303 -13.88 13.84 9.32
N ARG A 304 -14.62 12.82 9.78
CA ARG A 304 -15.06 12.83 11.20
C ARG A 304 -13.94 12.43 12.16
N ASP A 305 -13.01 11.60 11.73
CA ASP A 305 -11.89 11.20 12.57
C ASP A 305 -10.93 12.38 12.72
N LYS A 306 -10.78 12.88 13.95
CA LYS A 306 -9.96 14.06 14.18
C LYS A 306 -8.69 13.71 14.95
N ASN A 307 -8.27 12.44 14.86
CA ASN A 307 -7.04 11.96 15.55
C ASN A 307 -5.81 12.64 14.94
N THR A 308 -4.85 13.01 15.78
CA THR A 308 -3.61 13.67 15.39
C THR A 308 -2.48 12.65 15.19
N GLY A 309 -2.70 11.38 15.53
CA GLY A 309 -1.59 10.44 15.60
C GLY A 309 -1.94 9.16 16.33
N TYR A 310 -0.94 8.29 16.46
CA TYR A 310 -1.07 6.97 17.06
C TYR A 310 0.12 6.79 18.01
N THR A 311 -0.06 5.88 18.98
CA THR A 311 1.06 5.27 19.66
C THR A 311 1.13 3.81 19.21
N VAL A 312 2.35 3.34 18.93
CA VAL A 312 2.60 2.03 18.37
C VAL A 312 3.53 1.32 19.35
N GLU A 313 2.97 0.32 20.03
CA GLU A 313 3.71 -0.47 20.94
C GLU A 313 3.72 -1.90 20.40
N PHE A 314 4.94 -2.44 20.20
CA PHE A 314 5.20 -3.84 19.93
C PHE A 314 5.70 -4.53 21.22
N VAL A 315 5.05 -5.63 21.59
CA VAL A 315 5.39 -6.40 22.81
C VAL A 315 5.86 -7.81 22.38
N GLU A 316 7.07 -8.16 22.77
CA GLU A 316 7.63 -9.48 22.41
C GLU A 316 6.87 -10.57 23.17
N GLU A 320 9.35 -11.62 30.26
CA GLU A 320 10.45 -10.63 30.17
C GLU A 320 10.79 -10.41 28.69
N GLY A 321 9.80 -10.00 27.90
CA GLY A 321 10.07 -9.72 26.48
C GLY A 321 10.48 -8.27 26.35
N GLN A 322 11.16 -7.93 25.25
CA GLN A 322 11.58 -6.55 25.02
C GLN A 322 10.35 -5.78 24.52
N ARG A 323 10.37 -4.46 24.70
CA ARG A 323 9.23 -3.58 24.42
C ARG A 323 9.65 -2.45 23.48
N TRP A 324 8.85 -2.23 22.44
CA TRP A 324 9.10 -1.20 21.44
C TRP A 324 7.90 -0.25 21.32
N LYS A 325 8.09 1.04 21.63
CA LYS A 325 7.04 2.07 21.55
C LYS A 325 7.44 3.17 20.55
N PHE A 326 6.47 3.63 19.73
CA PHE A 326 6.73 4.71 18.78
C PHE A 326 5.52 5.66 18.76
N GLN A 327 5.78 6.96 18.86
CA GLN A 327 4.80 8.01 18.63
C GLN A 327 4.71 8.25 17.14
N VAL A 328 3.47 8.36 16.64
CA VAL A 328 3.17 8.66 15.24
C VAL A 328 2.39 9.97 15.20
N ARG A 329 3.04 11.02 14.68
CA ARG A 329 2.44 12.33 14.47
C ARG A 329 2.06 12.49 13.00
N HIS A 330 0.80 12.86 12.71
CA HIS A 330 0.39 13.24 11.34
C HIS A 330 0.88 14.67 11.06
N GLU A 331 1.79 14.85 10.09
CA GLU A 331 2.33 16.18 9.82
C GLU A 331 1.76 16.79 8.53
N ARG A 332 1.58 15.98 7.49
CA ARG A 332 1.17 16.48 6.18
C ARG A 332 0.10 15.56 5.57
N ILE A 333 -0.73 16.14 4.71
CA ILE A 333 -1.82 15.46 4.03
C ILE A 333 -1.36 15.13 2.60
N ILE A 334 -1.36 13.83 2.29
CA ILE A 334 -1.14 13.35 0.93
C ILE A 334 -2.48 13.38 0.19
N TRP A 335 -3.54 12.89 0.84
CA TRP A 335 -4.82 12.92 0.19
C TRP A 335 -5.95 12.88 1.20
N ASN A 336 -7.09 13.44 0.78
CA ASN A 336 -8.37 13.29 1.40
C ASN A 336 -9.37 12.93 0.30
N THR A 337 -9.97 11.73 0.38
CA THR A 337 -11.02 11.29 -0.57
C THR A 337 -12.23 10.78 0.21
N PRO A 338 -13.47 11.19 -0.14
CA PRO A 338 -14.65 10.91 0.68
C PRO A 338 -15.20 9.48 0.50
N THR A 339 -15.85 8.94 1.54
CA THR A 339 -16.58 7.64 1.48
C THR A 339 -18.02 7.84 1.99
N SER A 340 -18.53 9.08 1.84
CA SER A 340 -19.85 9.51 2.30
C SER A 340 -20.16 10.89 1.70
N ARG A 341 -21.44 11.24 1.62
CA ARG A 341 -21.80 12.61 1.29
C ARG A 341 -21.19 13.50 2.35
N PRO A 342 -20.89 14.80 2.05
CA PRO A 342 -20.46 15.73 3.10
C PRO A 342 -21.51 15.84 4.21
N GLY A 343 -21.08 16.34 5.37
CA GLY A 343 -21.89 16.43 6.57
C GLY A 343 -21.03 16.71 7.79
N PRO A 344 -21.61 16.78 9.01
CA PRO A 344 -20.81 16.88 10.23
C PRO A 344 -20.25 15.52 10.69
N ASP A 345 -20.82 14.40 10.18
CA ASP A 345 -20.36 13.01 10.50
C ASP A 345 -19.94 12.26 9.22
N ALA A 346 -19.27 12.96 8.30
CA ALA A 346 -18.78 12.33 7.06
C ALA A 346 -17.55 11.48 7.36
N THR A 347 -17.46 10.34 6.66
CA THR A 347 -16.27 9.53 6.67
C THR A 347 -15.50 9.80 5.38
N GLY A 348 -14.23 9.39 5.42
CA GLY A 348 -13.40 9.34 4.23
C GLY A 348 -12.05 8.70 4.47
N ASN A 349 -11.26 8.70 3.40
CA ASN A 349 -9.90 8.15 3.34
C ASN A 349 -8.88 9.29 3.38
N THR A 350 -7.85 9.15 4.19
CA THR A 350 -6.77 10.16 4.28
C THR A 350 -5.39 9.48 4.27
N GLY A 351 -4.53 10.03 3.41
CA GLY A 351 -3.12 9.65 3.26
C GLY A 351 -2.28 10.61 4.06
N PHE A 352 -1.23 10.15 4.71
CA PHE A 352 -0.47 11.09 5.57
C PHE A 352 1.04 10.94 5.46
N VAL A 353 1.74 12.06 5.62
CA VAL A 353 3.21 12.02 5.80
C VAL A 353 3.33 11.83 7.31
N GLU A 354 3.88 10.72 7.77
CA GLU A 354 3.90 10.48 9.21
C GLU A 354 5.28 10.75 9.79
N VAL A 355 5.33 11.40 10.94
CA VAL A 355 6.60 11.56 11.65
C VAL A 355 6.60 10.71 12.94
N LEU A 356 7.70 10.00 13.14
CA LEU A 356 7.83 8.93 14.08
C LEU A 356 9.10 9.12 14.92
N CYS A 357 9.06 8.58 16.14
CA CYS A 357 10.05 8.75 17.19
C CYS A 357 9.82 7.62 18.22
N GLY A 358 10.86 6.87 18.59
CA GLY A 358 10.74 5.92 19.65
C GLY A 358 11.75 4.79 19.54
N GLY A 359 11.31 3.62 19.98
CA GLY A 359 12.11 2.38 20.00
C GLY A 359 11.96 1.69 21.35
N THR A 360 13.08 1.36 21.99
CA THR A 360 13.04 0.73 23.34
C THR A 360 13.23 1.82 24.40
N ILE A 361 13.08 1.47 25.69
CA ILE A 361 13.27 2.46 26.79
C ILE A 361 14.63 3.14 26.61
N GLY A 362 14.61 4.47 26.50
CA GLY A 362 15.83 5.22 26.35
C GLY A 362 16.05 5.71 24.93
N GLU A 363 15.52 4.99 23.95
CA GLU A 363 15.80 5.22 22.55
C GLU A 363 14.86 6.32 22.00
N SER A 364 15.37 7.07 21.02
CA SER A 364 14.66 8.19 20.38
C SER A 364 15.04 8.31 18.89
N TYR A 365 14.89 7.25 18.10
CA TYR A 365 15.14 7.30 16.69
C TYR A 365 13.99 8.01 15.98
N GLU A 366 14.30 8.81 14.95
CA GLU A 366 13.33 9.60 14.22
C GLU A 366 13.21 9.07 12.80
N GLY A 367 11.98 9.02 12.29
CA GLY A 367 11.76 8.63 10.92
C GLY A 367 10.53 9.32 10.38
N VAL A 368 10.31 9.15 9.08
CA VAL A 368 9.06 9.53 8.47
C VAL A 368 8.42 8.25 7.91
N GLY A 369 7.11 8.31 7.66
CA GLY A 369 6.38 7.16 7.17
C GLY A 369 5.19 7.58 6.34
N THR A 370 4.71 6.67 5.50
CA THR A 370 3.35 6.76 4.90
C THR A 370 2.32 6.08 5.82
N GLY A 371 1.18 6.73 5.99
CA GLY A 371 0.06 6.19 6.69
C GLY A 371 -1.23 6.56 5.97
N GLY A 372 -2.25 5.73 6.14
CA GLY A 372 -3.53 5.97 5.56
C GLY A 372 -4.56 5.47 6.52
N GLN A 373 -5.62 6.24 6.72
CA GLN A 373 -6.73 5.77 7.57
C GLN A 373 -7.98 5.86 6.73
N CYS A 374 -8.81 4.82 6.77
CA CYS A 374 -10.04 4.80 5.97
C CYS A 374 -11.22 4.45 6.88
N GLU A 375 -12.34 5.13 6.71
CA GLU A 375 -13.56 4.85 7.45
C GLU A 375 -14.69 4.77 6.42
N LEU A 376 -15.45 3.67 6.45
CA LEU A 376 -16.67 3.56 5.64
C LEU A 376 -17.87 3.98 6.50
N SER A 377 -18.84 4.66 5.86
CA SER A 377 -19.86 5.48 6.54
C SER A 377 -20.61 4.70 7.64
#